data_6DGE
#
_entry.id   6DGE
#
_cell.length_a   55.242
_cell.length_b   55.242
_cell.length_c   89.478
_cell.angle_alpha   90.000
_cell.angle_beta   90.000
_cell.angle_gamma   90.000
#
_symmetry.space_group_name_H-M   'P 41'
#
loop_
_entity.id
_entity.type
_entity.pdbx_description
1 polymer 'N(G),N(G)-dimethylarginine dimethylaminohydrolase 1'
2 non-polymer N~6~-[(1E)-2-chloroethanimidoyl]-L-lysine
3 water water
#
_entity_poly.entity_id   1
_entity_poly.type   'polypeptide(L)'
_entity_poly.pdbx_seq_one_letter_code
;MGSSHHHHHHSSGLVPRGSHMASMAGLGHPAAFGRATHAVVRALPESLGQHALRSAKGEEVDVARAERQHQLYVGVLGSK
LGLQVVELPADESLPDCVFVEDVAVVCEETALITRPGAPSRRKEVDMMKEALEKLQLNIVEMKDENATLDGGDVLFTGRE
FFVGLSKRTNQRGAEILADTFKDYAVSTVPVADGLHLKSFCSMAGPNLIAIGSSESAQKALKIMQQMSDHRYDKLTVPDD
IAANCIYLNIPNKGHVLLHRTPEEYPESAKVYEKLKDHMLIPVSMSELEKVDGLLTCCSVLINKKVDS
;
_entity_poly.pdbx_strand_id   A
#
# COMPACT_ATOMS: atom_id res chain seq x y z
N ALA A 31 -12.15 -16.33 -1.31
CA ALA A 31 -12.17 -15.76 -2.66
C ALA A 31 -12.85 -14.40 -2.71
N ALA A 32 -13.52 -14.03 -1.62
CA ALA A 32 -14.12 -12.72 -1.51
C ALA A 32 -13.02 -11.66 -1.53
N PHE A 33 -13.33 -10.46 -1.99
CA PHE A 33 -12.32 -9.41 -2.07
C PHE A 33 -11.82 -9.02 -0.68
N GLY A 34 -10.52 -8.80 -0.56
CA GLY A 34 -9.93 -8.33 0.68
C GLY A 34 -9.55 -9.43 1.65
N ARG A 35 -9.82 -10.68 1.26
CA ARG A 35 -9.50 -11.83 2.11
C ARG A 35 -7.98 -11.97 2.23
N ALA A 36 -7.51 -12.19 3.45
CA ALA A 36 -6.09 -12.38 3.68
C ALA A 36 -5.86 -13.29 4.88
N THR A 37 -4.72 -13.99 4.88
CA THR A 37 -4.36 -14.89 5.97
C THR A 37 -3.01 -14.49 6.55
N HIS A 38 -2.18 -13.88 5.70
CA HIS A 38 -0.85 -13.46 6.12
C HIS A 38 -0.58 -11.99 5.84
N ALA A 39 0.26 -11.39 6.69
CA ALA A 39 0.74 -10.04 6.45
C ALA A 39 2.24 -9.99 6.63
N VAL A 40 2.95 -9.54 5.61
CA VAL A 40 4.39 -9.33 5.73
C VAL A 40 4.66 -7.87 6.08
N VAL A 41 5.42 -7.67 7.16
CA VAL A 41 5.83 -6.34 7.57
C VAL A 41 7.35 -6.31 7.80
N ARG A 42 7.90 -5.13 8.01
CA ARG A 42 9.34 -5.02 8.26
C ARG A 42 9.63 -3.92 9.26
N ALA A 43 10.53 -4.20 10.20
CA ALA A 43 10.87 -3.28 11.27
C ALA A 43 11.62 -2.04 10.75
N LEU A 44 11.49 -0.94 11.49
CA LEU A 44 12.15 0.31 11.18
C LEU A 44 13.64 0.27 11.55
N PRO A 45 14.50 0.81 10.67
CA PRO A 45 15.89 1.02 11.07
C PRO A 45 16.02 2.39 11.71
N GLU A 46 17.00 2.57 12.60
CA GLU A 46 17.22 3.85 13.24
C GLU A 46 17.58 4.92 12.20
N SER A 47 18.17 4.48 11.10
CA SER A 47 18.62 5.38 10.04
C SER A 47 17.47 6.01 9.27
N LEU A 48 16.25 5.52 9.48
CA LEU A 48 15.07 6.07 8.80
C LEU A 48 14.88 7.55 9.08
N GLY A 49 15.04 7.94 10.34
CA GLY A 49 14.73 9.29 10.78
C GLY A 49 15.44 10.37 9.99
N GLN A 50 16.66 10.11 9.57
CA GLN A 50 17.47 11.12 8.90
C GLN A 50 17.74 10.81 7.43
N HIS A 51 17.58 9.53 7.06
CA HIS A 51 18.03 9.09 5.74
C HIS A 51 16.94 8.50 4.84
N ALA A 52 15.74 8.31 5.38
CA ALA A 52 14.63 7.84 4.55
C ALA A 52 14.27 8.92 3.54
N LEU A 53 13.93 8.50 2.33
CA LEU A 53 13.55 9.43 1.28
C LEU A 53 12.23 10.10 1.63
N ARG A 54 12.11 11.38 1.30
CA ARG A 54 10.87 12.12 1.57
C ARG A 54 10.62 13.19 0.51
N SER A 55 9.36 13.38 0.16
CA SER A 55 8.98 14.26 -0.94
C SER A 55 9.05 15.74 -0.58
N ALA A 56 8.96 16.03 0.71
CA ALA A 56 8.99 17.42 1.17
C ALA A 56 9.72 17.56 2.50
N LYS A 57 10.42 18.67 2.68
CA LYS A 57 11.08 18.97 3.94
C LYS A 57 10.02 19.31 4.98
N GLY A 58 10.17 18.78 6.18
CA GLY A 58 9.21 19.01 7.25
C GLY A 58 9.81 18.81 8.63
N GLU A 59 8.94 18.59 9.61
CA GLU A 59 9.37 18.38 10.99
C GLU A 59 10.18 17.10 11.12
N GLU A 60 10.90 16.97 12.24
CA GLU A 60 11.78 15.83 12.45
C GLU A 60 11.05 14.54 12.81
N VAL A 61 11.55 13.42 12.30
CA VAL A 61 11.01 12.11 12.61
C VAL A 61 11.38 11.66 14.02
N ASP A 62 10.37 11.39 14.84
CA ASP A 62 10.56 10.78 16.16
C ASP A 62 10.61 9.27 15.98
N VAL A 63 11.82 8.73 15.79
CA VAL A 63 11.99 7.32 15.47
C VAL A 63 11.43 6.37 16.54
N ALA A 64 11.65 6.70 17.80
CA ALA A 64 11.12 5.89 18.90
C ALA A 64 9.60 5.82 18.85
N ARG A 65 8.97 6.96 18.60
CA ARG A 65 7.52 7.01 18.48
C ARG A 65 7.02 6.31 17.21
N ALA A 66 7.79 6.48 16.13
CA ALA A 66 7.45 5.81 14.88
C ALA A 66 7.46 4.30 15.05
N GLU A 67 8.32 3.82 15.94
CA GLU A 67 8.41 2.40 16.21
C GLU A 67 7.19 1.95 17.00
N ARG A 68 6.70 2.82 17.88
CA ARG A 68 5.51 2.51 18.65
C ARG A 68 4.28 2.43 17.75
N GLN A 69 4.16 3.39 16.84
CA GLN A 69 3.03 3.44 15.91
C GLN A 69 3.04 2.24 14.97
N HIS A 70 4.25 1.83 14.56
CA HIS A 70 4.41 0.65 13.73
C HIS A 70 4.05 -0.61 14.51
N GLN A 71 4.36 -0.61 15.81
CA GLN A 71 4.06 -1.76 16.66
C GLN A 71 2.55 -1.94 16.85
N LEU A 72 1.85 -0.83 17.04
CA LEU A 72 0.39 -0.85 17.16
C LEU A 72 -0.23 -1.35 15.86
N TYR A 73 0.31 -0.85 14.76
CA TYR A 73 -0.10 -1.25 13.41
C TYR A 73 0.04 -2.76 13.22
N VAL A 74 1.19 -3.30 13.58
CA VAL A 74 1.40 -4.74 13.51
C VAL A 74 0.46 -5.45 14.50
N GLY A 75 0.24 -4.83 15.66
CA GLY A 75 -0.66 -5.38 16.65
C GLY A 75 -2.06 -5.61 16.12
N VAL A 76 -2.60 -4.61 15.43
CA VAL A 76 -3.92 -4.74 14.80
C VAL A 76 -4.00 -5.91 13.83
N LEU A 77 -3.04 -5.98 12.90
CA LEU A 77 -3.03 -7.04 11.89
C LEU A 77 -2.93 -8.45 12.47
N GLY A 78 -2.05 -8.61 13.46
CA GLY A 78 -1.76 -9.92 14.01
C GLY A 78 -2.58 -10.27 15.24
N SER A 79 -2.44 -9.47 16.28
CA SER A 79 -3.13 -9.74 17.53
C SER A 79 -4.64 -9.60 17.40
N LYS A 80 -5.09 -8.46 16.91
CA LYS A 80 -6.53 -8.17 16.85
C LYS A 80 -7.26 -8.88 15.71
N LEU A 81 -6.65 -8.97 14.53
CA LEU A 81 -7.33 -9.52 13.36
C LEU A 81 -6.97 -10.97 13.08
N GLY A 82 -5.90 -11.46 13.70
CA GLY A 82 -5.55 -12.87 13.62
C GLY A 82 -4.78 -13.30 12.38
N LEU A 83 -4.21 -12.34 11.66
CA LEU A 83 -3.36 -12.67 10.52
C LEU A 83 -2.03 -13.20 11.01
N GLN A 84 -1.46 -14.15 10.28
CA GLN A 84 -0.12 -14.62 10.57
C GLN A 84 0.85 -13.58 10.04
N VAL A 85 1.48 -12.83 10.95
CA VAL A 85 2.38 -11.77 10.57
C VAL A 85 3.84 -12.23 10.48
N VAL A 86 4.47 -11.98 9.34
CA VAL A 86 5.90 -12.19 9.20
C VAL A 86 6.61 -10.84 9.38
N GLU A 87 7.43 -10.74 10.41
CA GLU A 87 8.10 -9.49 10.73
C GLU A 87 9.56 -9.50 10.28
N LEU A 88 9.84 -8.92 9.12
CA LEU A 88 11.20 -8.88 8.60
C LEU A 88 12.07 -7.96 9.45
N PRO A 89 13.30 -8.40 9.73
CA PRO A 89 14.23 -7.58 10.51
C PRO A 89 14.64 -6.32 9.76
N ALA A 90 14.99 -5.28 10.50
CA ALA A 90 15.42 -4.04 9.89
C ALA A 90 16.85 -4.12 9.34
N ASP A 91 17.16 -3.21 8.42
CA ASP A 91 18.49 -3.11 7.84
C ASP A 91 18.82 -1.62 7.81
N GLU A 92 19.88 -1.24 8.51
CA GLU A 92 20.26 0.17 8.63
C GLU A 92 20.72 0.78 7.30
N SER A 93 21.19 -0.07 6.39
CA SER A 93 21.65 0.40 5.07
C SER A 93 20.47 0.65 4.16
N LEU A 94 19.28 0.24 4.61
CA LEU A 94 18.06 0.46 3.86
C LEU A 94 17.03 1.23 4.68
N PRO A 95 17.18 2.56 4.73
CA PRO A 95 16.36 3.44 5.59
C PRO A 95 14.85 3.36 5.33
N ASP A 96 14.45 2.88 4.16
CA ASP A 96 13.03 2.83 3.81
C ASP A 96 12.47 1.41 3.86
N CYS A 97 13.23 0.50 4.46
CA CYS A 97 12.89 -0.94 4.41
C CYS A 97 11.54 -1.29 5.04
N VAL A 98 10.99 -0.39 5.85
CA VAL A 98 9.70 -0.61 6.49
C VAL A 98 8.55 -0.64 5.48
N PHE A 99 8.71 0.12 4.39
CA PHE A 99 7.63 0.27 3.42
C PHE A 99 7.59 -0.88 2.42
N VAL A 100 7.26 -2.07 2.93
CA VAL A 100 7.34 -3.32 2.17
C VAL A 100 6.40 -3.38 0.97
N GLU A 101 5.36 -2.56 0.98
CA GLU A 101 4.40 -2.55 -0.12
C GLU A 101 5.09 -2.29 -1.44
N ASP A 102 6.12 -1.46 -1.42
CA ASP A 102 6.77 -1.01 -2.65
C ASP A 102 7.62 -2.07 -3.37
N VAL A 103 8.03 -3.11 -2.64
CA VAL A 103 8.92 -4.11 -3.21
C VAL A 103 8.22 -5.40 -3.63
N ALA A 104 6.95 -5.53 -3.27
CA ALA A 104 6.19 -6.72 -3.65
C ALA A 104 4.73 -6.42 -3.92
N VAL A 105 4.22 -6.98 -5.00
CA VAL A 105 2.81 -6.90 -5.36
C VAL A 105 2.28 -8.33 -5.41
N VAL A 106 1.25 -8.61 -4.62
CA VAL A 106 0.73 -9.97 -4.53
C VAL A 106 -0.68 -10.07 -5.07
N CYS A 107 -0.87 -10.98 -6.02
CA CYS A 107 -2.21 -11.29 -6.52
C CYS A 107 -2.40 -12.80 -6.45
N GLU A 108 -3.40 -13.21 -5.67
CA GLU A 108 -3.64 -14.63 -5.40
C GLU A 108 -2.38 -15.30 -4.85
N GLU A 109 -1.83 -16.27 -5.58
CA GLU A 109 -0.65 -16.98 -5.11
C GLU A 109 0.62 -16.52 -5.80
N THR A 110 0.51 -15.47 -6.61
CA THR A 110 1.65 -14.96 -7.36
C THR A 110 2.19 -13.67 -6.76
N ALA A 111 3.50 -13.60 -6.59
CA ALA A 111 4.14 -12.39 -6.07
C ALA A 111 5.08 -11.78 -7.10
N LEU A 112 4.82 -10.53 -7.46
CA LEU A 112 5.73 -9.77 -8.31
C LEU A 112 6.71 -9.02 -7.43
N ILE A 113 7.96 -9.46 -7.44
CA ILE A 113 9.01 -8.75 -6.76
C ILE A 113 9.45 -7.61 -7.67
N THR A 114 9.29 -6.39 -7.20
CA THR A 114 9.48 -5.22 -8.05
C THR A 114 10.94 -4.79 -8.21
N ARG A 115 11.14 -3.81 -9.07
CA ARG A 115 12.41 -3.11 -9.15
C ARG A 115 12.12 -1.67 -8.78
N PRO A 116 12.31 -1.33 -7.49
CA PRO A 116 11.94 -0.02 -6.94
C PRO A 116 12.52 1.15 -7.72
N GLY A 117 11.74 2.22 -7.85
CA GLY A 117 12.17 3.38 -8.61
C GLY A 117 13.39 4.06 -8.01
N ALA A 118 13.48 4.06 -6.69
CA ALA A 118 14.64 4.64 -6.01
C ALA A 118 15.74 3.60 -5.88
N PRO A 119 16.91 3.89 -6.49
CA PRO A 119 18.05 2.97 -6.47
C PRO A 119 18.46 2.56 -5.05
N SER A 120 18.25 3.46 -4.10
CA SER A 120 18.62 3.20 -2.71
C SER A 120 17.74 2.15 -2.03
N ARG A 121 16.61 1.84 -2.64
CA ARG A 121 15.66 0.90 -2.05
C ARG A 121 15.74 -0.49 -2.69
N ARG A 122 16.57 -0.64 -3.72
CA ARG A 122 16.56 -1.88 -4.50
C ARG A 122 16.96 -3.14 -3.74
N LYS A 123 17.87 -3.01 -2.77
CA LYS A 123 18.30 -4.15 -1.96
C LYS A 123 17.22 -4.67 -1.01
N GLU A 124 16.15 -3.90 -0.81
CA GLU A 124 15.03 -4.32 0.03
C GLU A 124 14.36 -5.57 -0.54
N VAL A 125 14.57 -5.78 -1.83
CA VAL A 125 14.05 -6.94 -2.53
C VAL A 125 14.56 -8.26 -1.97
N ASP A 126 15.81 -8.28 -1.53
CA ASP A 126 16.50 -9.52 -1.14
C ASP A 126 15.78 -10.29 -0.04
N MET A 127 15.44 -9.60 1.04
CA MET A 127 14.77 -10.24 2.16
C MET A 127 13.30 -10.55 1.90
N MET A 128 12.65 -9.74 1.06
CA MET A 128 11.28 -10.00 0.68
C MET A 128 11.17 -11.29 -0.11
N LYS A 129 12.12 -11.50 -1.02
CA LYS A 129 12.14 -12.72 -1.83
C LYS A 129 12.26 -13.94 -0.92
N GLU A 130 13.04 -13.80 0.13
CA GLU A 130 13.24 -14.87 1.11
C GLU A 130 11.93 -15.27 1.78
N ALA A 131 11.23 -14.30 2.34
CA ALA A 131 9.99 -14.55 3.05
C ALA A 131 8.88 -15.14 2.18
N LEU A 132 8.80 -14.67 0.93
CA LEU A 132 7.74 -15.12 0.03
C LEU A 132 8.05 -16.51 -0.50
N GLU A 133 9.32 -16.84 -0.60
CA GLU A 133 9.72 -18.19 -0.98
C GLU A 133 9.38 -19.15 0.17
N LYS A 134 9.55 -18.67 1.38
CA LYS A 134 9.18 -19.44 2.57
C LYS A 134 7.67 -19.60 2.66
N LEU A 135 6.95 -18.55 2.27
CA LEU A 135 5.49 -18.62 2.22
C LEU A 135 5.04 -19.41 0.98
N GLN A 136 6.01 -19.82 0.17
CA GLN A 136 5.80 -20.76 -0.93
C GLN A 136 4.94 -20.19 -2.06
N LEU A 137 5.09 -18.91 -2.35
CA LEU A 137 4.33 -18.29 -3.44
C LEU A 137 5.04 -18.44 -4.77
N ASN A 138 4.29 -18.32 -5.86
CA ASN A 138 4.89 -18.28 -7.18
C ASN A 138 5.56 -16.92 -7.43
N ILE A 139 6.89 -16.92 -7.46
CA ILE A 139 7.66 -15.67 -7.51
C ILE A 139 8.03 -15.25 -8.93
N VAL A 140 7.77 -13.97 -9.25
CA VAL A 140 8.26 -13.37 -10.48
C VAL A 140 9.00 -12.08 -10.14
N GLU A 141 10.27 -11.97 -10.52
CA GLU A 141 11.02 -10.76 -10.21
C GLU A 141 11.26 -9.87 -11.43
N MET A 142 11.02 -8.58 -11.25
CA MET A 142 11.24 -7.57 -12.29
C MET A 142 12.74 -7.44 -12.55
N LYS A 143 13.19 -7.91 -13.71
CA LYS A 143 14.62 -8.01 -13.99
C LYS A 143 15.13 -7.05 -15.08
N ASP A 144 14.22 -6.50 -15.86
CA ASP A 144 14.56 -5.51 -16.89
C ASP A 144 15.20 -4.28 -16.24
N GLU A 145 16.45 -3.99 -16.60
CA GLU A 145 17.17 -2.87 -16.01
C GLU A 145 16.62 -1.51 -16.46
N ASN A 146 15.70 -1.53 -17.42
CA ASN A 146 15.04 -0.32 -17.88
C ASN A 146 13.69 -0.08 -17.19
N ALA A 147 13.25 -1.06 -16.42
CA ALA A 147 11.95 -1.00 -15.76
C ALA A 147 12.08 -0.56 -14.31
N THR A 148 11.16 0.31 -13.87
CA THR A 148 11.01 0.60 -12.44
C THR A 148 9.53 0.57 -12.06
N LEU A 149 9.26 0.20 -10.81
CA LEU A 149 7.90 0.16 -10.31
C LEU A 149 7.89 0.10 -8.79
N ASP A 150 7.13 1.00 -8.20
CA ASP A 150 6.87 0.96 -6.76
C ASP A 150 5.50 0.34 -6.57
N GLY A 151 5.40 -0.62 -5.65
CA GLY A 151 4.13 -1.22 -5.33
C GLY A 151 3.08 -0.22 -4.90
N GLY A 152 3.55 0.90 -4.33
CA GLY A 152 2.69 1.98 -3.91
C GLY A 152 1.95 2.67 -5.04
N ASP A 153 2.41 2.43 -6.27
CA ASP A 153 1.79 2.99 -7.47
C ASP A 153 0.74 2.06 -8.07
N VAL A 154 0.50 0.94 -7.40
CA VAL A 154 -0.38 -0.09 -7.94
C VAL A 154 -1.67 -0.24 -7.15
N LEU A 155 -2.81 -0.06 -7.82
CA LEU A 155 -4.09 -0.25 -7.17
C LEU A 155 -4.79 -1.48 -7.74
N PHE A 156 -4.86 -2.55 -6.97
CA PHE A 156 -5.60 -3.74 -7.39
C PHE A 156 -7.01 -3.67 -6.82
N THR A 157 -7.99 -3.54 -7.71
CA THR A 157 -9.38 -3.32 -7.30
C THR A 157 -10.09 -4.62 -6.99
N GLY A 158 -9.45 -5.73 -7.31
CA GLY A 158 -10.12 -7.02 -7.24
C GLY A 158 -10.60 -7.46 -8.62
N ARG A 159 -10.69 -6.50 -9.54
CA ARG A 159 -11.18 -6.75 -10.89
C ARG A 159 -10.10 -6.44 -11.94
N GLU A 160 -9.19 -5.55 -11.61
CA GLU A 160 -8.14 -5.14 -12.54
C GLU A 160 -7.05 -4.40 -11.77
N PHE A 161 -6.01 -3.99 -12.48
CA PHE A 161 -4.95 -3.17 -11.91
C PHE A 161 -4.95 -1.78 -12.53
N PHE A 162 -4.76 -0.77 -11.69
CA PHE A 162 -4.39 0.55 -12.17
C PHE A 162 -2.97 0.84 -11.69
N VAL A 163 -2.14 1.37 -12.58
CA VAL A 163 -0.74 1.59 -12.26
C VAL A 163 -0.33 3.02 -12.56
N GLY A 164 0.06 3.74 -11.51
CA GLY A 164 0.50 5.11 -11.66
C GLY A 164 1.81 5.21 -12.39
N LEU A 165 1.87 6.08 -13.39
CA LEU A 165 3.13 6.42 -14.03
C LEU A 165 3.67 7.65 -13.33
N SER A 166 4.78 7.48 -12.62
CA SER A 166 5.30 8.54 -11.77
C SER A 166 6.81 8.64 -11.90
N LYS A 167 7.44 9.34 -10.95
CA LYS A 167 8.89 9.42 -10.90
C LYS A 167 9.47 8.06 -10.54
N ARG A 168 8.65 7.21 -9.93
CA ARG A 168 9.11 5.92 -9.42
C ARG A 168 8.74 4.77 -10.35
N THR A 169 7.64 4.91 -11.06
CA THR A 169 7.12 3.84 -11.89
C THR A 169 7.01 4.25 -13.35
N ASN A 170 7.68 3.51 -14.23
CA ASN A 170 7.59 3.80 -15.67
C ASN A 170 6.73 2.80 -16.43
N GLN A 171 6.52 3.09 -17.73
CA GLN A 171 5.70 2.25 -18.59
C GLN A 171 6.18 0.80 -18.62
N ARG A 172 7.50 0.62 -18.68
CA ARG A 172 8.11 -0.71 -18.76
C ARG A 172 7.79 -1.52 -17.50
N GLY A 173 7.78 -0.83 -16.35
CA GLY A 173 7.37 -1.45 -15.11
C GLY A 173 5.94 -1.95 -15.18
N ALA A 174 5.07 -1.10 -15.72
CA ALA A 174 3.67 -1.45 -15.90
C ALA A 174 3.50 -2.64 -16.84
N GLU A 175 4.33 -2.69 -17.88
CA GLU A 175 4.27 -3.80 -18.84
C GLU A 175 4.55 -5.12 -18.14
N ILE A 176 5.57 -5.14 -17.30
CA ILE A 176 5.99 -6.36 -16.64
C ILE A 176 4.90 -6.85 -15.68
N LEU A 177 4.25 -5.90 -14.99
CA LEU A 177 3.13 -6.22 -14.12
C LEU A 177 1.99 -6.84 -14.91
N ALA A 178 1.72 -6.28 -16.09
CA ALA A 178 0.66 -6.78 -16.97
C ALA A 178 0.92 -8.21 -17.41
N ASP A 179 2.17 -8.51 -17.76
CA ASP A 179 2.55 -9.84 -18.21
C ASP A 179 2.52 -10.86 -17.07
N THR A 180 2.77 -10.38 -15.85
CA THR A 180 2.80 -11.24 -14.68
C THR A 180 1.40 -11.67 -14.24
N PHE A 181 0.45 -10.73 -14.29
CA PHE A 181 -0.93 -11.03 -13.93
C PHE A 181 -1.82 -10.97 -15.16
N LYS A 182 -1.62 -11.91 -16.07
CA LYS A 182 -2.28 -11.89 -17.38
C LYS A 182 -3.78 -12.13 -17.31
N ASP A 183 -4.27 -12.59 -16.15
CA ASP A 183 -5.70 -12.79 -15.96
C ASP A 183 -6.44 -11.45 -15.84
N TYR A 184 -5.68 -10.38 -15.55
CA TYR A 184 -6.28 -9.08 -15.26
C TYR A 184 -5.89 -7.99 -16.23
N ALA A 185 -6.80 -7.06 -16.48
CA ALA A 185 -6.47 -5.87 -17.26
C ALA A 185 -5.60 -4.94 -16.42
N VAL A 186 -4.66 -4.27 -17.08
CA VAL A 186 -3.81 -3.30 -16.41
C VAL A 186 -3.86 -1.98 -17.17
N SER A 187 -4.13 -0.89 -16.47
CA SER A 187 -4.26 0.42 -17.09
C SER A 187 -3.41 1.44 -16.35
N THR A 188 -2.76 2.33 -17.08
CA THR A 188 -1.89 3.32 -16.46
C THR A 188 -2.60 4.65 -16.19
N VAL A 189 -2.17 5.33 -15.13
CA VAL A 189 -2.69 6.63 -14.75
C VAL A 189 -1.52 7.56 -14.44
N PRO A 190 -1.51 8.76 -15.03
CA PRO A 190 -0.44 9.72 -14.73
C PRO A 190 -0.46 10.15 -13.26
N VAL A 191 0.70 10.22 -12.64
CA VAL A 191 0.82 10.65 -11.24
C VAL A 191 1.88 11.74 -11.10
N ALA A 192 1.52 12.83 -10.45
CA ALA A 192 2.37 14.02 -10.41
C ALA A 192 3.37 14.03 -9.26
N ASP A 193 4.38 14.88 -9.40
CA ASP A 193 5.36 15.17 -8.34
C ASP A 193 5.92 13.94 -7.65
N GLY A 194 6.03 14.02 -6.33
CA GLY A 194 6.53 12.91 -5.53
C GLY A 194 5.39 12.10 -4.96
N LEU A 195 4.30 12.00 -5.71
CA LEU A 195 3.15 11.21 -5.29
C LEU A 195 3.21 9.79 -5.81
N HIS A 196 2.49 8.90 -5.15
CA HIS A 196 2.22 7.57 -5.68
C HIS A 196 0.74 7.51 -5.93
N LEU A 197 0.31 6.55 -6.72
CA LEU A 197 -1.12 6.37 -6.97
C LEU A 197 -1.91 6.27 -5.67
N LYS A 198 -1.40 5.52 -4.70
CA LYS A 198 -2.12 5.31 -3.45
C LYS A 198 -1.84 6.37 -2.39
N SER A 199 -1.18 7.45 -2.79
CA SER A 199 -1.05 8.64 -1.94
C SER A 199 -2.41 9.33 -1.76
N PHE A 200 -3.37 8.97 -2.60
CA PHE A 200 -4.68 9.62 -2.57
C PHE A 200 -5.83 8.68 -2.88
N CYS A 201 -5.57 7.37 -2.86
CA CYS A 201 -6.65 6.41 -3.07
C CYS A 201 -6.27 5.03 -2.56
N SER A 202 -7.28 4.21 -2.29
CA SER A 202 -7.12 2.80 -1.95
C SER A 202 -8.49 2.16 -2.00
N MET A 203 -8.54 0.83 -1.89
CA MET A 203 -9.83 0.14 -1.88
C MET A 203 -10.40 0.16 -0.47
N ALA A 204 -11.67 0.54 -0.37
CA ALA A 204 -12.36 0.57 0.92
C ALA A 204 -13.37 -0.57 1.04
N GLY A 205 -13.51 -1.33 -0.04
CA GLY A 205 -14.38 -2.49 -0.06
C GLY A 205 -14.52 -3.02 -1.47
N PRO A 206 -15.34 -4.06 -1.64
CA PRO A 206 -15.59 -4.57 -2.99
C PRO A 206 -16.17 -3.47 -3.88
N ASN A 207 -15.56 -3.24 -5.03
CA ASN A 207 -16.07 -2.26 -5.99
C ASN A 207 -16.15 -0.84 -5.41
N LEU A 208 -15.36 -0.58 -4.38
CA LEU A 208 -15.43 0.70 -3.69
C LEU A 208 -14.06 1.34 -3.53
N ILE A 209 -13.83 2.43 -4.26
CA ILE A 209 -12.56 3.14 -4.22
C ILE A 209 -12.63 4.36 -3.30
N ALA A 210 -11.80 4.35 -2.25
CA ALA A 210 -11.63 5.52 -1.40
C ALA A 210 -10.78 6.53 -2.15
N ILE A 211 -11.28 7.75 -2.26
CA ILE A 211 -10.61 8.75 -3.11
C ILE A 211 -10.53 10.11 -2.44
N GLY A 212 -9.40 10.78 -2.61
CA GLY A 212 -9.23 12.13 -2.11
C GLY A 212 -10.10 13.12 -2.88
N SER A 213 -10.18 14.35 -2.41
CA SER A 213 -11.04 15.35 -3.02
C SER A 213 -10.22 16.37 -3.81
N SER A 214 -8.90 16.23 -3.80
CA SER A 214 -8.05 17.19 -4.49
C SER A 214 -8.27 17.12 -6.00
N GLU A 215 -7.77 18.14 -6.71
CA GLU A 215 -7.83 18.17 -8.17
C GLU A 215 -7.10 16.98 -8.74
N SER A 216 -5.89 16.71 -8.23
CA SER A 216 -5.11 15.56 -8.67
C SER A 216 -5.88 14.25 -8.53
N ALA A 217 -6.44 14.02 -7.34
CA ALA A 217 -7.14 12.79 -7.04
C ALA A 217 -8.37 12.59 -7.91
N GLN A 218 -9.11 13.66 -8.16
CA GLN A 218 -10.31 13.59 -8.98
C GLN A 218 -9.94 13.27 -10.42
N LYS A 219 -8.87 13.88 -10.91
CA LYS A 219 -8.41 13.66 -12.28
C LYS A 219 -7.99 12.20 -12.46
N ALA A 220 -7.22 11.69 -11.50
CA ALA A 220 -6.79 10.30 -11.51
C ALA A 220 -8.00 9.36 -11.50
N LEU A 221 -8.99 9.67 -10.67
CA LEU A 221 -10.19 8.86 -10.59
C LEU A 221 -10.97 8.87 -11.91
N LYS A 222 -11.09 10.04 -12.52
CA LYS A 222 -11.80 10.16 -13.78
C LYS A 222 -11.13 9.28 -14.84
N ILE A 223 -9.81 9.35 -14.91
CA ILE A 223 -9.04 8.50 -15.82
C ILE A 223 -9.26 7.03 -15.54
N MET A 224 -9.23 6.64 -14.26
CA MET A 224 -9.51 5.27 -13.87
C MET A 224 -10.90 4.80 -14.31
N GLN A 225 -11.90 5.62 -14.01
CA GLN A 225 -13.29 5.30 -14.39
C GLN A 225 -13.44 5.23 -15.92
N GLN A 226 -12.76 6.13 -16.61
CA GLN A 226 -12.83 6.21 -18.07
C GLN A 226 -12.21 4.98 -18.75
N MET A 227 -11.15 4.43 -18.16
CA MET A 227 -10.45 3.29 -18.75
C MET A 227 -11.04 1.93 -18.39
N SER A 228 -11.70 1.86 -17.23
CA SER A 228 -12.21 0.57 -16.75
C SER A 228 -13.37 0.05 -17.57
N ASP A 229 -13.61 -1.25 -17.47
CA ASP A 229 -14.74 -1.89 -18.12
C ASP A 229 -16.05 -1.57 -17.36
N HIS A 230 -15.94 -1.51 -16.03
CA HIS A 230 -17.04 -1.13 -15.15
C HIS A 230 -16.80 0.21 -14.50
N ARG A 231 -17.86 0.84 -14.01
CA ARG A 231 -17.74 1.95 -13.07
C ARG A 231 -17.53 1.38 -11.67
N TYR A 232 -16.77 2.10 -10.86
CA TYR A 232 -16.63 1.79 -9.44
C TYR A 232 -17.47 2.74 -8.60
N ASP A 233 -18.00 2.24 -7.48
CA ASP A 233 -18.51 3.12 -6.44
C ASP A 233 -17.32 3.82 -5.81
N LYS A 234 -17.55 4.94 -5.14
CA LYS A 234 -16.46 5.66 -4.50
C LYS A 234 -16.82 6.11 -3.09
N LEU A 235 -15.80 6.27 -2.25
CA LEU A 235 -15.95 6.88 -0.95
C LEU A 235 -15.05 8.11 -0.91
N THR A 236 -15.66 9.28 -1.01
CA THR A 236 -14.89 10.52 -1.10
C THR A 236 -14.53 11.07 0.28
N VAL A 237 -13.25 11.38 0.47
CA VAL A 237 -12.79 11.95 1.72
C VAL A 237 -12.06 13.28 1.47
N PRO A 238 -12.25 14.26 2.38
CA PRO A 238 -11.71 15.62 2.19
C PRO A 238 -10.19 15.66 2.20
N ASP A 239 -9.56 14.68 2.84
CA ASP A 239 -8.11 14.63 2.92
C ASP A 239 -7.55 13.49 2.05
N ASP A 240 -6.75 13.84 1.05
CA ASP A 240 -6.12 12.87 0.16
C ASP A 240 -5.42 11.74 0.93
N ILE A 241 -4.55 12.12 1.85
CA ILE A 241 -3.77 11.14 2.60
C ILE A 241 -4.66 10.13 3.31
N ALA A 242 -5.81 10.57 3.79
CA ALA A 242 -6.72 9.70 4.51
C ALA A 242 -7.54 8.80 3.58
N ALA A 243 -7.34 8.95 2.28
CA ALA A 243 -7.94 8.04 1.32
C ALA A 243 -7.12 6.76 1.22
N ASN A 244 -5.95 6.76 1.86
CA ASN A 244 -5.16 5.55 1.94
C ASN A 244 -5.54 4.79 3.21
N CYS A 245 -6.21 3.66 3.00
CA CYS A 245 -6.70 2.86 4.12
C CYS A 245 -6.41 1.40 3.80
N ILE A 246 -6.57 0.54 4.78
CA ILE A 246 -6.44 -0.90 4.57
C ILE A 246 -7.79 -1.59 4.75
N TYR A 247 -8.21 -2.35 3.75
CA TYR A 247 -9.45 -3.12 3.82
C TYR A 247 -9.16 -4.59 3.98
N LEU A 248 -9.76 -5.20 4.99
CA LEU A 248 -9.57 -6.63 5.21
C LEU A 248 -10.90 -7.34 5.41
N ASN A 249 -11.11 -8.40 4.64
CA ASN A 249 -12.21 -9.30 4.89
C ASN A 249 -11.70 -10.40 5.81
N ILE A 250 -12.08 -10.31 7.08
CA ILE A 250 -11.67 -11.30 8.06
C ILE A 250 -12.85 -12.25 8.33
N PRO A 251 -12.64 -13.55 8.10
CA PRO A 251 -13.70 -14.55 8.25
C PRO A 251 -14.28 -14.54 9.66
N ASN A 252 -15.61 -14.50 9.75
CA ASN A 252 -16.31 -14.50 11.04
C ASN A 252 -15.81 -13.43 12.00
N LYS A 253 -15.66 -12.20 11.50
CA LYS A 253 -15.24 -11.09 12.32
C LYS A 253 -15.76 -9.78 11.76
N GLY A 254 -15.50 -9.53 10.48
CA GLY A 254 -16.07 -8.38 9.82
C GLY A 254 -15.37 -7.92 8.55
N HIS A 255 -15.97 -6.91 7.92
CA HIS A 255 -15.36 -6.21 6.81
C HIS A 255 -14.57 -5.07 7.42
N VAL A 256 -13.29 -5.30 7.65
CA VAL A 256 -12.47 -4.42 8.46
C VAL A 256 -11.84 -3.30 7.63
N LEU A 257 -11.85 -2.10 8.18
CA LEU A 257 -11.15 -0.99 7.53
C LEU A 257 -10.25 -0.27 8.53
N LEU A 258 -8.95 -0.32 8.29
CA LEU A 258 -7.98 0.47 9.06
C LEU A 258 -7.87 1.85 8.43
N HIS A 259 -8.20 2.89 9.19
CA HIS A 259 -8.17 4.26 8.67
C HIS A 259 -7.44 5.19 9.62
N ARG A 260 -7.09 6.38 9.13
CA ARG A 260 -6.36 7.35 9.94
C ARG A 260 -7.26 7.88 11.03
N THR A 261 -6.65 8.32 12.13
CA THR A 261 -7.40 8.64 13.35
C THR A 261 -8.16 9.96 13.21
N PRO A 262 -9.16 10.16 14.08
CA PRO A 262 -9.84 11.46 14.15
C PRO A 262 -8.90 12.56 14.63
N GLU A 263 -7.80 12.21 15.28
CA GLU A 263 -6.81 13.18 15.71
C GLU A 263 -5.93 13.66 14.54
N GLU A 264 -5.74 12.79 13.56
CA GLU A 264 -4.95 13.15 12.38
C GLU A 264 -5.80 13.86 11.32
N TYR A 265 -6.94 13.27 11.00
CA TYR A 265 -7.80 13.79 9.95
C TYR A 265 -9.26 13.65 10.35
N PRO A 266 -9.75 14.56 11.20
CA PRO A 266 -11.08 14.51 11.78
C PRO A 266 -12.20 14.40 10.74
N GLU A 267 -12.16 15.19 9.69
CA GLU A 267 -13.27 15.22 8.74
C GLU A 267 -13.30 13.99 7.84
N SER A 268 -12.16 13.33 7.67
CA SER A 268 -12.11 12.10 6.90
C SER A 268 -12.59 10.92 7.74
N ALA A 269 -12.20 10.90 9.01
CA ALA A 269 -12.64 9.87 9.94
C ALA A 269 -14.17 9.84 10.04
N LYS A 270 -14.79 11.02 9.92
CA LYS A 270 -16.24 11.11 9.93
C LYS A 270 -16.88 10.40 8.74
N VAL A 271 -16.18 10.43 7.60
CA VAL A 271 -16.67 9.73 6.41
C VAL A 271 -16.62 8.22 6.61
N TYR A 272 -15.50 7.73 7.15
CA TYR A 272 -15.37 6.30 7.40
C TYR A 272 -16.39 5.84 8.43
N GLU A 273 -16.69 6.70 9.40
CA GLU A 273 -17.62 6.38 10.48
C GLU A 273 -19.05 6.09 10.03
N LYS A 274 -19.37 6.46 8.79
CA LYS A 274 -20.71 6.24 8.25
C LYS A 274 -20.87 4.83 7.69
N LEU A 275 -19.76 4.10 7.57
CA LEU A 275 -19.79 2.72 7.11
C LEU A 275 -20.19 1.81 8.26
N LYS A 276 -21.49 1.78 8.56
CA LYS A 276 -22.01 1.06 9.72
C LYS A 276 -21.71 -0.43 9.67
N ASP A 277 -21.66 -0.98 8.47
CA ASP A 277 -21.46 -2.41 8.29
C ASP A 277 -19.99 -2.82 8.34
N HIS A 278 -19.08 -1.84 8.34
CA HIS A 278 -17.66 -2.12 8.44
C HIS A 278 -17.20 -2.12 9.90
N MET A 279 -16.16 -2.89 10.19
CA MET A 279 -15.49 -2.80 11.47
C MET A 279 -14.36 -1.78 11.34
N LEU A 280 -14.54 -0.61 11.94
CA LEU A 280 -13.60 0.48 11.76
C LEU A 280 -12.53 0.50 12.86
N ILE A 281 -11.27 0.57 12.44
CA ILE A 281 -10.13 0.59 13.36
C ILE A 281 -9.23 1.77 13.04
N PRO A 282 -9.33 2.84 13.84
CA PRO A 282 -8.45 4.00 13.61
C PRO A 282 -7.00 3.67 13.94
N VAL A 283 -6.09 4.01 13.04
CA VAL A 283 -4.67 3.72 13.24
C VAL A 283 -3.83 4.94 12.83
N SER A 284 -2.96 5.37 13.74
CA SER A 284 -2.11 6.54 13.52
C SER A 284 -0.85 6.17 12.74
N MET A 285 -0.44 7.05 11.84
CA MET A 285 0.81 6.92 11.10
C MET A 285 1.51 8.26 11.00
N SER A 286 1.28 9.11 12.00
CA SER A 286 1.75 10.50 11.98
C SER A 286 3.25 10.64 11.78
N GLU A 287 4.04 9.82 12.47
CA GLU A 287 5.49 9.90 12.34
C GLU A 287 5.96 9.50 10.94
N LEU A 288 5.56 8.32 10.48
CA LEU A 288 6.00 7.85 9.18
C LEU A 288 5.43 8.66 8.02
N GLU A 289 4.35 9.39 8.26
CA GLU A 289 3.78 10.25 7.22
C GLU A 289 4.81 11.31 6.80
N LYS A 290 5.67 11.70 7.74
CA LYS A 290 6.71 12.70 7.48
C LYS A 290 7.65 12.24 6.37
N VAL A 291 7.75 10.92 6.20
CA VAL A 291 8.53 10.36 5.10
C VAL A 291 7.62 9.63 4.09
N ASP A 292 6.40 10.14 3.95
CA ASP A 292 5.43 9.65 2.97
C ASP A 292 4.98 8.21 3.23
N GLY A 293 5.07 7.78 4.49
CA GLY A 293 4.65 6.45 4.85
C GLY A 293 3.23 6.40 5.37
N LEU A 294 2.32 5.87 4.55
CA LEU A 294 0.90 5.81 4.92
C LEU A 294 0.53 4.41 5.39
N LEU A 295 -0.75 4.06 5.29
CA LEU A 295 -1.23 2.78 5.81
C LEU A 295 -0.91 1.56 4.97
N THR A 296 -1.29 1.57 3.70
CA THR A 296 -1.03 0.43 2.84
C THR A 296 0.47 0.17 2.66
N CYS A 297 1.26 1.22 2.81
CA CYS A 297 2.68 1.18 2.49
C CYS A 297 3.46 0.23 3.41
N CYS A 298 2.95 -0.01 4.61
CA CYS A 298 3.70 -0.74 5.63
C CYS A 298 3.40 -2.24 5.71
N SER A 299 2.65 -2.78 4.76
CA SER A 299 2.36 -4.20 4.79
C SER A 299 2.14 -4.77 3.38
N VAL A 300 2.38 -6.07 3.25
CA VAL A 300 2.02 -6.82 2.06
C VAL A 300 1.06 -7.90 2.49
N LEU A 301 -0.16 -7.88 1.96
CA LEU A 301 -1.19 -8.82 2.40
C LEU A 301 -1.30 -10.01 1.46
N ILE A 302 -1.35 -11.20 2.04
CA ILE A 302 -1.39 -12.43 1.26
C ILE A 302 -2.57 -13.32 1.69
N ASN A 303 -3.25 -13.90 0.71
CA ASN A 303 -4.25 -14.93 1.00
C ASN A 303 -3.72 -16.31 0.66
N LYS A 304 -3.39 -17.06 1.70
CA LYS A 304 -2.84 -18.40 1.53
C LYS A 304 -3.87 -19.45 1.94
N LYS A 305 -4.28 -20.29 1.00
CA LYS A 305 -5.27 -21.32 1.29
C LYS A 305 -4.65 -22.53 1.96
#